data_3CJR
#
_entry.id   3CJR
#
_cell.length_a   132.742
_cell.length_b   132.742
_cell.length_c   46.056
_cell.angle_alpha   90.00
_cell.angle_beta   90.00
_cell.angle_gamma   120.00
#
_symmetry.space_group_name_H-M   'P 65'
#
loop_
_entity.id
_entity.type
_entity.pdbx_description
1 polymer 'Ribosomal protein L11 methyltransferase'
2 polymer '50S ribosomal protein L11'
3 non-polymer SINEFUNGIN
4 water water
#
loop_
_entity_poly.entity_id
_entity_poly.type
_entity_poly.pdbx_seq_one_letter_code
_entity_poly.pdbx_strand_id
1 'polypeptide(L)'
;MWVYRLKGTLEALDPILPGLFDGGARGLWEREGEVWAFFPAPVDLPYEGVWEEVGDEDWLEAWRRDLKPALAPPFVVLAP
WHTWEGAEIPLVIEPGMAFGTGHHETTRLALKALARHLRPGDKVLDLGTGSGVLAIAAEKLGGKALGVDIDPMVLPQAEA
NAKRNGVRPRFLEGSLEAALPFGPFDLLVANLYAELHAALAPRYREALVPGGRALLTGILKDRAPLVREAMAGAGFRPLE
EAAEGEWVLLAYGR
;
A
2 'polypeptide(L)'
;MKKVVAVVKLQLPAGKATPAPPVGPALGQHGANIMEFVAAFNAATANMGDAIVPVEITIYADRSFTFVTKTPPASYLIRK
AAGLEKGAHKPGREKVGRITWEQVLEIAKQKMPDLNTTDLEAAARMIAGSARSMGVEVVGAPEVKDA
;
B
#
# COMPACT_ATOMS: atom_id res chain seq x y z
N MET A 1 -16.46 -1.02 15.42
CA MET A 1 -15.29 -0.10 15.53
C MET A 1 -15.46 0.86 16.72
N TRP A 2 -14.40 0.97 17.53
CA TRP A 2 -14.40 1.82 18.72
C TRP A 2 -13.52 3.06 18.52
N VAL A 3 -13.82 4.11 19.28
CA VAL A 3 -13.03 5.34 19.23
C VAL A 3 -12.76 5.92 20.63
N TYR A 4 -11.50 6.24 20.88
CA TYR A 4 -11.07 6.84 22.14
C TYR A 4 -10.64 8.29 21.90
N ARG A 5 -11.37 9.23 22.51
CA ARG A 5 -11.18 10.66 22.26
C ARG A 5 -10.33 11.33 23.33
N LEU A 6 -9.39 12.16 22.90
CA LEU A 6 -8.49 12.90 23.79
C LEU A 6 -8.38 14.36 23.38
N LYS A 7 -8.52 15.25 24.35
CA LYS A 7 -8.46 16.70 24.10
C LYS A 7 -7.04 17.16 23.78
N GLY A 8 -6.92 18.04 22.78
CA GLY A 8 -5.62 18.57 22.36
C GLY A 8 -5.23 18.16 20.95
N THR A 9 -4.12 18.72 20.47
CA THR A 9 -3.61 18.41 19.14
C THR A 9 -2.67 17.19 19.19
N LEU A 10 -2.29 16.68 18.01
CA LEU A 10 -1.38 15.53 17.90
C LEU A 10 0.01 15.83 18.48
N GLU A 11 0.51 17.03 18.20
CA GLU A 11 1.82 17.44 18.69
C GLU A 11 1.81 17.62 20.21
N ALA A 12 0.69 18.13 20.73
CA ALA A 12 0.56 18.40 22.16
C ALA A 12 0.53 17.11 22.97
N LEU A 13 -0.01 16.05 22.37
CA LEU A 13 -0.11 14.74 23.02
C LEU A 13 0.98 13.79 22.55
N ASP A 14 2.06 14.36 22.00
CA ASP A 14 3.16 13.59 21.40
C ASP A 14 3.79 12.50 22.29
N PRO A 15 4.14 12.82 23.56
CA PRO A 15 4.82 11.81 24.40
C PRO A 15 3.97 10.59 24.74
N ILE A 16 2.65 10.76 24.79
CA ILE A 16 1.74 9.67 25.17
C ILE A 16 1.18 8.89 23.97
N LEU A 17 1.59 9.27 22.76
CA LEU A 17 1.09 8.64 21.53
C LEU A 17 1.55 7.19 21.31
N PRO A 18 2.84 6.87 21.56
CA PRO A 18 3.29 5.48 21.40
C PRO A 18 2.55 4.49 22.29
N GLY A 19 2.04 4.97 23.43
CA GLY A 19 1.25 4.16 24.35
C GLY A 19 -0.13 3.81 23.82
N LEU A 20 -0.66 4.68 22.97
CA LEU A 20 -1.95 4.44 22.30
C LEU A 20 -1.83 3.32 21.26
N PHE A 21 -0.69 3.29 20.55
CA PHE A 21 -0.40 2.22 19.60
C PHE A 21 0.08 0.94 20.30
N ASP A 22 0.51 1.07 21.55
CA ASP A 22 0.82 -0.08 22.40
C ASP A 22 -0.46 -0.80 22.82
N GLY A 23 -1.54 -0.02 22.98
CA GLY A 23 -2.85 -0.55 23.31
C GLY A 23 -3.47 -1.34 22.16
N GLY A 24 -3.18 -0.90 20.93
CA GLY A 24 -3.65 -1.59 19.74
C GLY A 24 -4.46 -0.72 18.79
N ALA A 25 -4.18 0.57 18.79
CA ALA A 25 -4.86 1.53 17.92
C ALA A 25 -4.45 1.32 16.45
N ARG A 26 -5.39 1.59 15.55
CA ARG A 26 -5.15 1.40 14.12
C ARG A 26 -4.89 2.71 13.37
N GLY A 27 -5.21 3.84 14.01
CA GLY A 27 -4.99 5.15 13.41
C GLY A 27 -5.40 6.32 14.27
N LEU A 28 -4.64 7.41 14.19
CA LEU A 28 -4.95 8.64 14.90
C LEU A 28 -5.50 9.69 13.94
N TRP A 29 -6.32 10.60 14.46
CA TRP A 29 -6.99 11.61 13.66
C TRP A 29 -7.21 12.89 14.46
N GLU A 30 -6.52 13.96 14.06
CA GLU A 30 -6.66 15.28 14.68
C GLU A 30 -7.90 15.97 14.12
N ARG A 31 -8.77 16.43 15.03
CA ARG A 31 -10.04 17.04 14.63
C ARG A 31 -10.16 18.48 15.18
N GLU A 32 -11.40 18.94 15.38
CA GLU A 32 -11.68 20.31 15.81
C GLU A 32 -10.76 20.83 16.92
N GLY A 33 -10.54 20.00 17.94
CA GLY A 33 -9.61 20.31 19.03
C GLY A 33 -9.28 19.05 19.82
N GLU A 34 -9.38 17.91 19.16
CA GLU A 34 -9.21 16.61 19.78
C GLU A 34 -8.34 15.66 18.95
N VAL A 35 -7.97 14.53 19.55
CA VAL A 35 -7.28 13.44 18.85
C VAL A 35 -8.13 12.17 18.98
N TRP A 36 -8.49 11.60 17.84
CA TRP A 36 -9.37 10.44 17.79
C TRP A 36 -8.60 9.16 17.49
N ALA A 37 -8.41 8.34 18.53
CA ALA A 37 -7.76 7.04 18.41
C ALA A 37 -8.80 5.97 18.12
N PHE A 38 -8.49 5.06 17.21
CA PHE A 38 -9.45 4.03 16.79
C PHE A 38 -8.98 2.62 17.12
N PHE A 39 -9.79 1.92 17.91
CA PHE A 39 -9.47 0.58 18.40
C PHE A 39 -10.49 -0.46 17.91
N PRO A 40 -10.04 -1.70 17.64
CA PRO A 40 -10.96 -2.80 17.35
C PRO A 40 -11.76 -3.21 18.59
N ALA A 41 -11.11 -3.17 19.75
CA ALA A 41 -11.74 -3.48 21.02
C ALA A 41 -11.30 -2.47 22.10
N PRO A 42 -12.24 -2.07 22.99
CA PRO A 42 -11.88 -1.08 24.02
C PRO A 42 -11.10 -1.69 25.19
N VAL A 43 -9.94 -1.10 25.46
CA VAL A 43 -9.09 -1.51 26.59
C VAL A 43 -8.74 -0.29 27.45
N ASP A 44 -8.77 -0.48 28.78
CA ASP A 44 -8.56 0.60 29.73
C ASP A 44 -7.22 1.30 29.54
N LEU A 45 -7.27 2.63 29.45
CA LEU A 45 -6.09 3.45 29.29
C LEU A 45 -6.08 4.57 30.34
N PRO A 46 -4.93 4.78 31.01
CA PRO A 46 -4.85 5.76 32.10
C PRO A 46 -4.62 7.20 31.62
N TYR A 47 -4.88 7.45 30.34
CA TYR A 47 -4.68 8.78 29.75
C TYR A 47 -5.86 9.72 29.97
N GLU A 48 -6.98 9.16 30.42
CA GLU A 48 -8.21 9.90 30.73
C GLU A 48 -8.85 10.56 29.50
N GLY A 49 -9.87 9.89 28.97
CA GLY A 49 -10.62 10.39 27.82
C GLY A 49 -12.05 9.84 27.81
N VAL A 50 -12.59 9.64 26.61
CA VAL A 50 -13.94 9.08 26.45
C VAL A 50 -14.01 8.02 25.36
N TRP A 51 -14.58 6.87 25.72
CA TRP A 51 -14.78 5.76 24.78
C TRP A 51 -16.16 5.83 24.15
N GLU A 52 -16.25 5.46 22.88
CA GLU A 52 -17.50 5.53 22.12
C GLU A 52 -17.63 4.38 21.14
N GLU A 53 -18.80 3.76 21.12
CA GLU A 53 -19.08 2.63 20.22
C GLU A 53 -19.77 3.12 18.94
N VAL A 54 -18.97 3.70 18.04
CA VAL A 54 -19.45 4.17 16.74
C VAL A 54 -18.53 3.68 15.62
N LEU A 60 -17.24 3.61 1.88
CA LEU A 60 -16.92 2.36 1.20
C LEU A 60 -18.08 1.82 0.37
N GLU A 61 -19.31 2.00 0.86
CA GLU A 61 -20.51 1.55 0.14
C GLU A 61 -20.96 2.52 -0.94
N ALA A 62 -20.54 3.78 -0.82
CA ALA A 62 -20.73 4.77 -1.88
C ALA A 62 -19.83 4.44 -3.07
N TRP A 63 -18.62 3.97 -2.77
CA TRP A 63 -17.67 3.49 -3.78
C TRP A 63 -18.16 2.21 -4.44
N ARG A 64 -18.71 1.30 -3.63
CA ARG A 64 -19.13 -0.02 -4.09
C ARG A 64 -20.41 0.02 -4.95
N ARG A 65 -21.34 0.91 -4.62
CA ARG A 65 -22.60 0.99 -5.37
C ARG A 65 -22.54 1.93 -6.58
N ASP A 66 -21.56 2.82 -6.58
CA ASP A 66 -21.25 3.63 -7.77
C ASP A 66 -20.22 2.93 -8.66
N LEU A 67 -19.80 1.74 -8.25
CA LEU A 67 -18.75 0.99 -8.94
C LEU A 67 -19.19 0.61 -10.35
N LYS A 68 -18.44 1.07 -11.34
CA LYS A 68 -18.70 0.76 -12.76
C LYS A 68 -17.65 -0.21 -13.29
N PRO A 69 -17.94 -0.87 -14.44
CA PRO A 69 -16.92 -1.71 -15.08
C PRO A 69 -15.65 -0.91 -15.40
N ALA A 70 -14.49 -1.52 -15.18
CA ALA A 70 -13.20 -0.87 -15.44
C ALA A 70 -12.54 -1.47 -16.68
N LEU A 71 -12.27 -0.61 -17.67
CA LEU A 71 -11.62 -1.06 -18.90
C LEU A 71 -10.10 -1.13 -18.74
N ALA A 72 -9.55 -2.26 -19.15
CA ALA A 72 -8.11 -2.45 -19.25
C ALA A 72 -7.85 -3.34 -20.46
N PRO A 73 -8.03 -2.78 -21.68
CA PRO A 73 -7.98 -3.55 -22.92
C PRO A 73 -6.81 -4.54 -22.95
N PRO A 74 -7.05 -5.80 -23.36
CA PRO A 74 -8.28 -6.34 -23.95
C PRO A 74 -9.34 -6.78 -22.94
N PHE A 75 -9.15 -6.44 -21.66
CA PHE A 75 -10.06 -6.86 -20.59
C PHE A 75 -11.07 -5.78 -20.18
N VAL A 76 -12.16 -6.24 -19.58
CA VAL A 76 -13.03 -5.39 -18.78
C VAL A 76 -13.20 -6.05 -17.41
N VAL A 77 -12.93 -5.28 -16.35
CA VAL A 77 -13.06 -5.80 -15.00
C VAL A 77 -14.47 -5.54 -14.48
N LEU A 78 -15.16 -6.61 -14.13
CA LEU A 78 -16.57 -6.54 -13.76
C LEU A 78 -16.77 -7.06 -12.34
N ALA A 79 -17.67 -6.41 -11.61
CA ALA A 79 -18.19 -6.96 -10.38
C ALA A 79 -19.21 -8.05 -10.75
N PRO A 80 -19.45 -9.02 -9.84
CA PRO A 80 -20.43 -10.08 -10.11
C PRO A 80 -21.82 -9.59 -10.50
N TRP A 81 -22.16 -8.35 -10.13
CA TRP A 81 -23.47 -7.78 -10.45
C TRP A 81 -23.49 -6.96 -11.75
N HIS A 82 -22.36 -6.91 -12.45
CA HIS A 82 -22.26 -6.26 -13.76
C HIS A 82 -22.46 -7.24 -14.92
N THR A 83 -22.82 -6.69 -16.07
CA THR A 83 -22.68 -7.38 -17.37
C THR A 83 -21.92 -6.48 -18.34
N TRP A 84 -21.61 -7.02 -19.51
CA TRP A 84 -20.89 -6.30 -20.55
C TRP A 84 -21.33 -6.81 -21.91
N GLU A 85 -21.49 -5.90 -22.87
CA GLU A 85 -21.92 -6.27 -24.22
C GLU A 85 -20.80 -6.17 -25.25
N GLY A 86 -19.71 -5.50 -24.86
CA GLY A 86 -18.55 -5.32 -25.74
C GLY A 86 -17.78 -6.58 -26.04
N ALA A 87 -16.69 -6.43 -26.80
CA ALA A 87 -15.87 -7.56 -27.25
C ALA A 87 -14.75 -7.90 -26.27
N GLU A 88 -14.57 -7.06 -25.24
CA GLU A 88 -13.52 -7.25 -24.23
C GLU A 88 -13.66 -8.57 -23.48
N ILE A 89 -12.53 -9.12 -23.05
CA ILE A 89 -12.50 -10.33 -22.22
C ILE A 89 -12.96 -9.97 -20.81
N PRO A 90 -14.09 -10.55 -20.36
CA PRO A 90 -14.58 -10.25 -19.02
C PRO A 90 -13.72 -10.86 -17.90
N LEU A 91 -13.42 -10.03 -16.90
CA LEU A 91 -12.75 -10.46 -15.69
C LEU A 91 -13.67 -10.16 -14.51
N VAL A 92 -14.32 -11.20 -14.00
CA VAL A 92 -15.27 -11.04 -12.90
C VAL A 92 -14.52 -11.14 -11.57
N ILE A 93 -14.50 -10.01 -10.84
CA ILE A 93 -13.83 -9.95 -9.54
C ILE A 93 -14.81 -9.45 -8.49
N GLU A 94 -15.02 -10.26 -7.45
CA GLU A 94 -15.81 -9.84 -6.29
C GLU A 94 -15.01 -8.82 -5.49
N PRO A 95 -15.51 -7.57 -5.42
CA PRO A 95 -14.79 -6.54 -4.68
C PRO A 95 -14.76 -6.88 -3.19
N GLY A 96 -13.57 -6.81 -2.60
CA GLY A 96 -13.42 -7.08 -1.18
C GLY A 96 -12.35 -6.21 -0.55
N MET A 97 -11.78 -6.71 0.54
CA MET A 97 -10.71 -6.02 1.26
C MET A 97 -9.36 -6.38 0.64
N ALA A 98 -9.34 -7.48 -0.12
CA ALA A 98 -8.13 -7.94 -0.81
C ALA A 98 -7.88 -7.11 -2.06
N PHE A 99 -6.65 -6.60 -2.20
CA PHE A 99 -6.27 -5.79 -3.35
C PHE A 99 -6.38 -6.61 -4.64
N GLY A 100 -6.84 -5.94 -5.70
CA GLY A 100 -7.02 -6.57 -6.99
C GLY A 100 -8.42 -6.42 -7.51
N THR A 101 -9.08 -5.33 -7.11
CA THR A 101 -10.44 -5.02 -7.57
C THR A 101 -10.46 -4.80 -9.07
N GLY A 102 -9.28 -4.50 -9.63
CA GLY A 102 -9.11 -4.31 -11.06
C GLY A 102 -9.21 -2.87 -11.49
N HIS A 103 -9.47 -1.98 -10.53
CA HIS A 103 -9.66 -0.57 -10.83
C HIS A 103 -8.39 0.26 -10.71
N HIS A 104 -7.47 -0.17 -9.85
CA HIS A 104 -6.25 0.59 -9.60
C HIS A 104 -5.35 0.63 -10.83
N GLU A 105 -4.60 1.72 -10.97
CA GLU A 105 -3.70 1.94 -12.10
C GLU A 105 -2.71 0.80 -12.27
N THR A 106 -2.17 0.32 -11.15
CA THR A 106 -1.12 -0.70 -11.16
C THR A 106 -1.66 -2.03 -11.71
N THR A 107 -2.83 -2.42 -11.23
CA THR A 107 -3.50 -3.63 -11.70
C THR A 107 -3.79 -3.55 -13.19
N ARG A 108 -4.27 -2.40 -13.63
CA ARG A 108 -4.61 -2.20 -15.04
C ARG A 108 -3.38 -2.18 -15.94
N LEU A 109 -2.28 -1.59 -15.45
CA LEU A 109 -1.00 -1.63 -16.18
C LEU A 109 -0.50 -3.05 -16.38
N ALA A 110 -0.63 -3.88 -15.34
CA ALA A 110 -0.20 -5.28 -15.39
C ALA A 110 -1.08 -6.13 -16.31
N LEU A 111 -2.39 -5.87 -16.29
CA LEU A 111 -3.34 -6.55 -17.18
C LEU A 111 -3.02 -6.33 -18.65
N LYS A 112 -2.73 -5.08 -18.99
CA LYS A 112 -2.37 -4.69 -20.34
C LYS A 112 -1.01 -5.24 -20.75
N ALA A 113 -0.06 -5.22 -19.81
CA ALA A 113 1.27 -5.77 -20.04
C ALA A 113 1.23 -7.29 -20.27
N LEU A 114 0.36 -7.99 -19.55
CA LEU A 114 0.15 -9.42 -19.78
C LEU A 114 -0.31 -9.70 -21.21
N ALA A 115 -1.22 -8.89 -21.72
CA ALA A 115 -1.72 -9.03 -23.09
C ALA A 115 -0.62 -8.86 -24.14
N ARG A 116 0.33 -7.97 -23.86
CA ARG A 116 1.44 -7.68 -24.77
C ARG A 116 2.56 -8.72 -24.70
N HIS A 117 2.69 -9.40 -23.56
CA HIS A 117 3.84 -10.27 -23.31
C HIS A 117 3.55 -11.76 -23.23
N LEU A 118 2.39 -12.12 -22.70
CA LEU A 118 2.08 -13.53 -22.44
C LEU A 118 1.76 -14.33 -23.70
N ARG A 119 2.46 -15.45 -23.85
CA ARG A 119 2.20 -16.40 -24.93
C ARG A 119 1.31 -17.53 -24.42
N PRO A 120 0.36 -18.01 -25.24
CA PRO A 120 -0.40 -19.19 -24.82
C PRO A 120 0.56 -20.34 -24.48
N GLY A 121 0.34 -20.97 -23.33
CA GLY A 121 1.19 -22.06 -22.87
C GLY A 121 2.29 -21.63 -21.91
N ASP A 122 2.50 -20.32 -21.77
CA ASP A 122 3.51 -19.78 -20.86
C ASP A 122 3.19 -20.14 -19.42
N LYS A 123 4.20 -20.55 -18.67
CA LYS A 123 4.11 -20.69 -17.22
C LYS A 123 4.28 -19.31 -16.59
N VAL A 124 3.27 -18.88 -15.83
CA VAL A 124 3.20 -17.54 -15.28
C VAL A 124 3.14 -17.56 -13.76
N LEU A 125 4.04 -16.82 -13.12
CA LEU A 125 3.98 -16.60 -11.68
C LEU A 125 3.43 -15.21 -11.40
N ASP A 126 2.34 -15.17 -10.65
CA ASP A 126 1.74 -13.92 -10.17
C ASP A 126 2.09 -13.77 -8.70
N LEU A 127 3.14 -12.99 -8.43
CA LEU A 127 3.66 -12.83 -7.08
C LEU A 127 2.86 -11.78 -6.32
N GLY A 128 2.17 -12.22 -5.28
CA GLY A 128 1.28 -11.36 -4.51
C GLY A 128 -0.06 -11.28 -5.21
N THR A 129 -0.73 -12.43 -5.31
CA THR A 129 -1.91 -12.57 -6.16
C THR A 129 -3.16 -11.86 -5.64
N GLY A 130 -3.27 -11.71 -4.33
CA GLY A 130 -4.42 -11.08 -3.70
C GLY A 130 -5.73 -11.71 -4.14
N SER A 131 -6.61 -10.90 -4.73
CA SER A 131 -7.89 -11.32 -5.29
C SER A 131 -7.78 -12.39 -6.37
N GLY A 132 -6.59 -12.51 -6.95
CA GLY A 132 -6.32 -13.47 -8.01
C GLY A 132 -6.46 -12.92 -9.42
N VAL A 133 -6.77 -11.62 -9.53
CA VAL A 133 -7.08 -10.98 -10.82
C VAL A 133 -6.06 -11.24 -11.96
N LEU A 134 -4.78 -11.10 -11.66
CA LEU A 134 -3.74 -11.24 -12.68
C LEU A 134 -3.51 -12.69 -13.09
N ALA A 135 -3.62 -13.61 -12.14
CA ALA A 135 -3.50 -15.05 -12.43
C ALA A 135 -4.69 -15.51 -13.26
N ILE A 136 -5.88 -15.00 -12.95
CA ILE A 136 -7.09 -15.28 -13.70
C ILE A 136 -6.99 -14.76 -15.13
N ALA A 137 -6.60 -13.49 -15.28
CA ALA A 137 -6.31 -12.90 -16.58
C ALA A 137 -5.29 -13.69 -17.38
N ALA A 138 -4.21 -14.12 -16.73
CA ALA A 138 -3.19 -14.96 -17.36
C ALA A 138 -3.80 -16.26 -17.93
N GLU A 139 -4.63 -16.92 -17.13
CA GLU A 139 -5.35 -18.12 -17.59
C GLU A 139 -6.28 -17.83 -18.77
N LYS A 140 -6.98 -16.70 -18.72
CA LYS A 140 -7.85 -16.24 -19.82
C LYS A 140 -7.07 -16.05 -21.12
N LEU A 141 -5.79 -15.75 -21.00
CA LEU A 141 -4.92 -15.54 -22.16
C LEU A 141 -4.19 -16.82 -22.59
N GLY A 142 -4.55 -17.95 -21.99
CA GLY A 142 -3.95 -19.24 -22.32
C GLY A 142 -2.68 -19.55 -21.53
N GLY A 143 -2.40 -18.74 -20.52
CA GLY A 143 -1.26 -18.95 -19.64
C GLY A 143 -1.54 -20.03 -18.61
N LYS A 144 -0.47 -20.59 -18.06
CA LYS A 144 -0.56 -21.59 -17.01
C LYS A 144 -0.06 -20.93 -15.72
N ALA A 145 -1.01 -20.47 -14.91
CA ALA A 145 -0.70 -19.53 -13.83
C ALA A 145 -0.56 -20.14 -12.44
N LEU A 146 0.41 -19.63 -11.70
CA LEU A 146 0.48 -19.83 -10.26
C LEU A 146 0.38 -18.46 -9.58
N GLY A 147 -0.62 -18.31 -8.72
CA GLY A 147 -0.73 -17.11 -7.89
C GLY A 147 -0.34 -17.45 -6.47
N VAL A 148 0.68 -16.75 -5.95
CA VAL A 148 1.10 -16.94 -4.55
C VAL A 148 0.87 -15.68 -3.72
N ASP A 149 0.57 -15.86 -2.44
CA ASP A 149 0.39 -14.76 -1.52
C ASP A 149 0.82 -15.15 -0.10
N ILE A 150 1.56 -14.26 0.56
CA ILE A 150 1.99 -14.50 1.94
C ILE A 150 0.83 -14.41 2.94
N ASP A 151 -0.28 -13.79 2.50
CA ASP A 151 -1.49 -13.71 3.29
C ASP A 151 -2.44 -14.83 2.87
N PRO A 152 -2.61 -15.86 3.73
CA PRO A 152 -3.45 -17.01 3.40
C PRO A 152 -4.94 -16.68 3.32
N MET A 153 -5.34 -15.53 3.85
CA MET A 153 -6.74 -15.11 3.89
C MET A 153 -7.32 -14.71 2.53
N VAL A 154 -6.47 -14.29 1.60
CA VAL A 154 -6.92 -13.90 0.26
C VAL A 154 -7.17 -15.11 -0.63
N LEU A 155 -6.60 -16.26 -0.25
CA LEU A 155 -6.62 -17.46 -1.10
C LEU A 155 -8.02 -18.04 -1.36
N PRO A 156 -8.89 -18.16 -0.33
CA PRO A 156 -10.27 -18.54 -0.60
C PRO A 156 -10.98 -17.58 -1.56
N GLN A 157 -10.69 -16.28 -1.45
CA GLN A 157 -11.24 -15.25 -2.33
C GLN A 157 -10.74 -15.42 -3.76
N ALA A 158 -9.46 -15.75 -3.90
CA ALA A 158 -8.85 -15.99 -5.22
C ALA A 158 -9.47 -17.20 -5.92
N GLU A 159 -9.69 -18.27 -5.17
CA GLU A 159 -10.31 -19.49 -5.71
C GLU A 159 -11.76 -19.24 -6.13
N ALA A 160 -12.49 -18.47 -5.32
CA ALA A 160 -13.86 -18.10 -5.63
C ALA A 160 -13.94 -17.26 -6.90
N ASN A 161 -13.04 -16.28 -7.01
CA ASN A 161 -12.94 -15.46 -8.21
C ASN A 161 -12.64 -16.29 -9.46
N ALA A 162 -11.74 -17.26 -9.32
CA ALA A 162 -11.39 -18.16 -10.43
C ALA A 162 -12.62 -18.89 -10.98
N LYS A 163 -13.43 -19.45 -10.08
CA LYS A 163 -14.66 -20.17 -10.48
C LYS A 163 -15.68 -19.26 -11.16
N ARG A 164 -15.69 -17.98 -10.78
CA ARG A 164 -16.53 -16.97 -11.44
C ARG A 164 -16.12 -16.73 -12.89
N ASN A 165 -14.89 -17.14 -13.22
CA ASN A 165 -14.32 -16.87 -14.53
C ASN A 165 -14.11 -18.12 -15.40
N GLY A 166 -14.44 -19.29 -14.86
CA GLY A 166 -14.28 -20.55 -15.59
C GLY A 166 -12.84 -20.94 -15.89
N VAL A 167 -11.92 -20.48 -15.05
CA VAL A 167 -10.50 -20.79 -15.19
C VAL A 167 -9.96 -21.38 -13.90
N ARG A 168 -8.85 -22.11 -13.98
CA ARG A 168 -8.29 -22.77 -12.81
C ARG A 168 -6.78 -22.56 -12.68
N PRO A 169 -6.38 -21.36 -12.23
CA PRO A 169 -4.97 -21.21 -11.88
C PRO A 169 -4.66 -21.97 -10.59
N ARG A 170 -3.38 -22.19 -10.32
CA ARG A 170 -2.99 -22.73 -9.03
C ARG A 170 -2.77 -21.57 -8.07
N PHE A 171 -3.34 -21.70 -6.87
CA PHE A 171 -3.13 -20.70 -5.82
C PHE A 171 -2.43 -21.35 -4.63
N LEU A 172 -1.51 -20.60 -4.03
CA LEU A 172 -0.60 -21.15 -3.03
C LEU A 172 -0.22 -20.08 -2.02
N GLU A 173 -0.13 -20.47 -0.75
CA GLU A 173 0.39 -19.58 0.28
C GLU A 173 1.92 -19.52 0.21
N GLY A 174 2.46 -18.31 0.33
CA GLY A 174 3.90 -18.12 0.33
C GLY A 174 4.37 -17.08 -0.66
N SER A 175 5.65 -17.16 -1.02
CA SER A 175 6.28 -16.19 -1.88
C SER A 175 7.12 -16.90 -2.95
N LEU A 176 8.22 -16.28 -3.37
CA LEU A 176 9.12 -16.84 -4.38
C LEU A 176 9.62 -18.25 -4.05
N GLU A 177 9.96 -18.46 -2.77
CA GLU A 177 10.41 -19.75 -2.27
C GLU A 177 9.40 -20.88 -2.51
N ALA A 178 8.13 -20.61 -2.18
CA ALA A 178 7.06 -21.60 -2.33
C ALA A 178 6.80 -21.92 -3.79
N ALA A 179 7.03 -20.95 -4.67
CA ALA A 179 6.77 -21.08 -6.10
C ALA A 179 7.84 -21.89 -6.83
N LEU A 180 9.02 -21.95 -6.23
CA LEU A 180 10.22 -22.57 -6.83
C LEU A 180 9.99 -23.98 -7.40
N PRO A 181 9.41 -24.90 -6.60
CA PRO A 181 9.18 -26.28 -7.09
C PRO A 181 8.18 -26.39 -8.25
N PHE A 182 7.41 -25.34 -8.50
CA PHE A 182 6.44 -25.33 -9.60
C PHE A 182 7.01 -24.63 -10.85
N GLY A 183 8.16 -23.99 -10.69
CA GLY A 183 8.84 -23.32 -11.80
C GLY A 183 9.87 -24.21 -12.47
N PRO A 184 10.81 -23.61 -13.23
CA PRO A 184 10.93 -22.18 -13.48
C PRO A 184 9.83 -21.65 -14.40
N PHE A 185 9.66 -20.34 -14.41
CA PHE A 185 8.54 -19.72 -15.13
C PHE A 185 9.00 -18.96 -16.37
N ASP A 186 8.09 -18.85 -17.35
CA ASP A 186 8.32 -18.04 -18.55
C ASP A 186 8.10 -16.57 -18.28
N LEU A 187 7.16 -16.27 -17.38
CA LEU A 187 6.78 -14.90 -17.09
C LEU A 187 6.47 -14.70 -15.62
N LEU A 188 7.03 -13.63 -15.06
CA LEU A 188 6.68 -13.21 -13.72
C LEU A 188 5.93 -11.88 -13.79
N VAL A 189 4.78 -11.83 -13.13
CA VAL A 189 4.06 -10.58 -12.95
C VAL A 189 3.95 -10.29 -11.46
N ALA A 190 4.37 -9.09 -11.06
CA ALA A 190 4.42 -8.73 -9.64
C ALA A 190 3.99 -7.30 -9.39
N ASN A 191 2.78 -7.15 -8.85
CA ASN A 191 2.27 -5.85 -8.43
C ASN A 191 2.54 -5.69 -6.94
N LEU A 192 3.73 -5.19 -6.63
CA LEU A 192 4.15 -5.03 -5.25
C LEU A 192 4.51 -3.58 -4.97
N TYR A 193 5.76 -3.32 -4.63
CA TYR A 193 6.28 -1.96 -4.42
C TYR A 193 7.77 -1.93 -4.70
N ALA A 194 8.28 -0.74 -5.05
CA ALA A 194 9.64 -0.54 -5.53
C ALA A 194 10.73 -1.22 -4.70
N GLU A 195 10.69 -1.01 -3.38
CA GLU A 195 11.75 -1.47 -2.49
C GLU A 195 11.78 -3.00 -2.38
N LEU A 196 10.62 -3.64 -2.50
CA LEU A 196 10.54 -5.09 -2.51
C LEU A 196 11.08 -5.67 -3.82
N HIS A 197 10.71 -5.08 -4.96
CA HIS A 197 11.26 -5.46 -6.26
C HIS A 197 12.79 -5.42 -6.25
N ALA A 198 13.34 -4.36 -5.66
CA ALA A 198 14.78 -4.15 -5.59
C ALA A 198 15.49 -5.23 -4.77
N ALA A 199 14.89 -5.60 -3.65
CA ALA A 199 15.42 -6.65 -2.77
C ALA A 199 15.30 -8.05 -3.38
N LEU A 200 14.29 -8.23 -4.22
CA LEU A 200 13.97 -9.55 -4.79
C LEU A 200 14.55 -9.79 -6.18
N ALA A 201 15.11 -8.75 -6.79
CA ALA A 201 15.63 -8.81 -8.16
C ALA A 201 16.48 -10.06 -8.48
N PRO A 202 17.48 -10.41 -7.63
CA PRO A 202 18.26 -11.62 -7.89
C PRO A 202 17.42 -12.91 -7.90
N ARG A 203 16.42 -12.97 -7.01
CA ARG A 203 15.55 -14.13 -6.93
C ARG A 203 14.52 -14.16 -8.06
N TYR A 204 14.17 -12.99 -8.59
CA TYR A 204 13.37 -12.90 -9.81
C TYR A 204 14.05 -13.63 -10.96
N ARG A 205 15.36 -13.40 -11.12
CA ARG A 205 16.14 -14.06 -12.17
C ARG A 205 16.17 -15.57 -11.98
N GLU A 206 16.33 -16.02 -10.74
CA GLU A 206 16.35 -17.44 -10.40
C GLU A 206 14.99 -18.11 -10.65
N ALA A 207 13.93 -17.31 -10.60
CA ALA A 207 12.55 -17.82 -10.76
C ALA A 207 12.18 -18.09 -12.21
N LEU A 208 12.93 -17.48 -13.14
CA LEU A 208 12.58 -17.52 -14.55
C LEU A 208 13.50 -18.42 -15.38
N VAL A 209 12.95 -19.01 -16.44
CA VAL A 209 13.74 -19.73 -17.44
C VAL A 209 14.69 -18.75 -18.13
N PRO A 210 15.81 -19.25 -18.69
CA PRO A 210 16.62 -18.40 -19.55
C PRO A 210 15.77 -17.79 -20.67
N GLY A 211 15.90 -16.49 -20.88
CA GLY A 211 15.08 -15.78 -21.85
C GLY A 211 13.72 -15.34 -21.32
N GLY A 212 13.41 -15.72 -20.08
CA GLY A 212 12.13 -15.38 -19.44
C GLY A 212 12.02 -13.90 -19.13
N ARG A 213 10.83 -13.45 -18.76
CA ARG A 213 10.62 -12.03 -18.50
C ARG A 213 9.83 -11.70 -17.23
N ALA A 214 10.02 -10.47 -16.76
CA ALA A 214 9.41 -9.99 -15.53
C ALA A 214 8.63 -8.71 -15.79
N LEU A 215 7.39 -8.67 -15.29
CA LEU A 215 6.54 -7.51 -15.40
C LEU A 215 6.26 -6.97 -14.00
N LEU A 216 6.90 -5.85 -13.68
CA LEU A 216 6.93 -5.30 -12.33
C LEU A 216 6.14 -4.00 -12.23
N THR A 217 5.16 -3.97 -11.33
CA THR A 217 4.40 -2.75 -11.09
C THR A 217 4.12 -2.55 -9.59
N GLY A 218 3.30 -1.55 -9.27
CA GLY A 218 3.14 -1.10 -7.90
C GLY A 218 4.23 -0.10 -7.56
N ILE A 219 4.85 0.44 -8.59
CA ILE A 219 6.01 1.31 -8.47
C ILE A 219 5.63 2.77 -8.66
N LEU A 220 5.78 3.55 -7.59
CA LEU A 220 5.67 5.01 -7.64
C LEU A 220 6.74 5.54 -8.58
N LYS A 221 6.34 6.48 -9.46
CA LYS A 221 7.23 7.06 -10.47
C LYS A 221 8.64 7.39 -9.98
N ASP A 222 8.71 8.06 -8.83
CA ASP A 222 9.98 8.52 -8.25
C ASP A 222 10.82 7.39 -7.63
N ARG A 223 10.21 6.24 -7.43
CA ARG A 223 10.88 5.07 -6.84
C ARG A 223 11.42 4.11 -7.92
N ALA A 224 11.07 4.39 -9.18
CA ALA A 224 11.48 3.58 -10.33
C ALA A 224 13.00 3.41 -10.51
N PRO A 225 13.80 4.47 -10.29
CA PRO A 225 15.27 4.32 -10.35
C PRO A 225 15.83 3.17 -9.51
N LEU A 226 15.26 2.93 -8.33
CA LEU A 226 15.68 1.83 -7.46
C LEU A 226 15.49 0.46 -8.14
N VAL A 227 14.34 0.28 -8.78
CA VAL A 227 14.02 -0.96 -9.48
C VAL A 227 14.92 -1.13 -10.70
N ARG A 228 15.09 -0.06 -11.48
CA ARG A 228 15.96 -0.10 -12.66
C ARG A 228 17.38 -0.53 -12.29
N GLU A 229 17.90 0.04 -11.21
CA GLU A 229 19.24 -0.23 -10.71
C GLU A 229 19.40 -1.68 -10.24
N ALA A 230 18.42 -2.16 -9.46
CA ALA A 230 18.45 -3.52 -8.93
C ALA A 230 18.32 -4.58 -10.02
N MET A 231 17.45 -4.32 -11.00
CA MET A 231 17.19 -5.26 -12.09
C MET A 231 18.37 -5.37 -13.04
N ALA A 232 18.99 -4.23 -13.35
CA ALA A 232 20.22 -4.21 -14.15
C ALA A 232 21.33 -4.95 -13.40
N GLY A 233 21.41 -4.71 -12.09
CA GLY A 233 22.38 -5.39 -11.22
C GLY A 233 22.15 -6.89 -11.15
N ALA A 234 20.91 -7.31 -11.28
CA ALA A 234 20.54 -8.73 -11.28
C ALA A 234 20.78 -9.40 -12.63
N GLY A 235 21.09 -8.60 -13.64
CA GLY A 235 21.39 -9.11 -14.98
C GLY A 235 20.24 -9.06 -15.97
N PHE A 236 19.17 -8.34 -15.62
CA PHE A 236 18.02 -8.16 -16.51
C PHE A 236 18.29 -7.09 -17.54
N ARG A 237 17.67 -7.24 -18.71
CA ARG A 237 17.70 -6.24 -19.77
C ARG A 237 16.33 -5.56 -19.86
N PRO A 238 16.32 -4.21 -19.99
CA PRO A 238 15.05 -3.49 -20.08
C PRO A 238 14.31 -3.77 -21.38
N LEU A 239 13.00 -3.99 -21.28
CA LEU A 239 12.18 -4.28 -22.45
C LEU A 239 11.32 -3.08 -22.84
N GLU A 240 10.56 -2.58 -21.86
CA GLU A 240 9.68 -1.43 -22.05
C GLU A 240 9.23 -0.89 -20.70
N GLU A 241 8.66 0.32 -20.73
CA GLU A 241 8.06 0.92 -19.54
C GLU A 241 6.68 1.46 -19.90
N ALA A 242 5.76 1.37 -18.95
CA ALA A 242 4.41 1.94 -19.11
C ALA A 242 4.05 2.72 -17.86
N ALA A 243 3.23 3.76 -18.03
CA ALA A 243 2.86 4.62 -16.90
C ALA A 243 1.37 4.98 -16.90
N GLU A 244 0.83 5.18 -15.71
CA GLU A 244 -0.49 5.77 -15.53
C GLU A 244 -0.53 6.51 -14.19
N GLY A 245 -0.71 7.83 -14.27
CA GLY A 245 -0.72 8.68 -13.07
C GLY A 245 0.60 8.65 -12.33
N GLU A 246 0.53 8.37 -11.03
CA GLU A 246 1.70 8.26 -10.15
C GLU A 246 2.54 7.00 -10.40
N TRP A 247 1.97 6.04 -11.14
CA TRP A 247 2.47 4.67 -11.15
C TRP A 247 3.14 4.24 -12.44
N VAL A 248 4.07 3.29 -12.34
CA VAL A 248 4.73 2.75 -13.52
C VAL A 248 4.79 1.23 -13.51
N LEU A 249 4.89 0.65 -14.71
CA LEU A 249 5.21 -0.75 -14.88
C LEU A 249 6.52 -0.86 -15.64
N LEU A 250 7.42 -1.70 -15.15
CA LEU A 250 8.70 -1.93 -15.80
C LEU A 250 8.82 -3.38 -16.23
N ALA A 251 9.05 -3.59 -17.53
CA ALA A 251 9.23 -4.93 -18.09
C ALA A 251 10.69 -5.22 -18.36
N TYR A 252 11.11 -6.43 -18.03
CA TYR A 252 12.51 -6.85 -18.12
C TYR A 252 12.63 -8.25 -18.67
N GLY A 253 13.73 -8.51 -19.38
CA GLY A 253 14.04 -9.85 -19.87
C GLY A 253 15.38 -10.30 -19.33
N ARG A 254 15.51 -11.58 -19.02
CA ARG A 254 16.79 -12.11 -18.59
C ARG A 254 17.47 -12.90 -19.71
N MET B 1 -3.62 25.55 -8.56
CA MET B 1 -4.69 26.08 -7.68
C MET B 1 -6.01 26.09 -8.45
N LYS B 2 -6.96 25.21 -8.12
CA LYS B 2 -6.95 24.22 -7.02
C LYS B 2 -7.14 24.78 -5.61
N LYS B 3 -8.40 25.03 -5.27
CA LYS B 3 -8.81 25.50 -3.95
C LYS B 3 -8.72 24.36 -2.94
N VAL B 4 -8.09 24.63 -1.80
CA VAL B 4 -8.01 23.67 -0.71
C VAL B 4 -9.28 23.74 0.14
N VAL B 5 -9.89 22.59 0.38
CA VAL B 5 -11.10 22.51 1.22
C VAL B 5 -10.86 21.88 2.59
N ALA B 6 -9.75 21.16 2.72
CA ALA B 6 -9.39 20.51 3.97
C ALA B 6 -7.91 20.13 4.05
N VAL B 7 -7.37 20.18 5.26
CA VAL B 7 -6.04 19.64 5.56
C VAL B 7 -6.17 18.63 6.72
N VAL B 8 -6.14 17.34 6.36
CA VAL B 8 -6.38 16.26 7.33
C VAL B 8 -5.06 15.72 7.88
N LYS B 9 -4.93 15.79 9.21
CA LYS B 9 -3.75 15.25 9.90
C LYS B 9 -4.08 13.91 10.52
N LEU B 10 -3.39 12.87 10.06
CA LEU B 10 -3.56 11.51 10.57
C LEU B 10 -2.22 10.94 11.04
N GLN B 11 -2.28 9.86 11.80
CA GLN B 11 -1.11 9.06 12.12
C GLN B 11 -1.41 7.58 11.90
N LEU B 12 -0.73 6.99 10.92
CA LEU B 12 -1.01 5.63 10.48
C LEU B 12 0.24 4.74 10.53
N PRO B 13 0.06 3.42 10.74
CA PRO B 13 1.16 2.47 10.63
C PRO B 13 1.69 2.36 9.19
N ALA B 14 3.01 2.28 9.04
CA ALA B 14 3.65 2.25 7.72
C ALA B 14 3.24 1.04 6.88
N GLY B 15 2.71 1.32 5.69
CA GLY B 15 2.38 0.29 4.71
C GLY B 15 1.22 -0.62 5.05
N LYS B 16 0.43 -0.24 6.05
CA LYS B 16 -0.70 -1.07 6.50
C LYS B 16 -1.99 -0.26 6.73
N ALA B 17 -2.14 0.84 5.99
CA ALA B 17 -3.35 1.65 6.04
C ALA B 17 -4.50 0.94 5.32
N THR B 18 -5.72 1.15 5.82
CA THR B 18 -6.93 0.54 5.27
C THR B 18 -8.06 1.56 5.11
N PRO B 19 -9.09 1.24 4.31
CA PRO B 19 -10.26 2.11 4.17
C PRO B 19 -11.07 2.29 5.46
N ALA B 20 -10.73 1.52 6.50
CA ALA B 20 -11.36 1.64 7.81
C ALA B 20 -10.96 2.94 8.51
N PRO B 21 -11.81 3.44 9.45
CA PRO B 21 -11.48 4.63 10.23
C PRO B 21 -10.07 4.61 10.81
N PRO B 22 -9.39 5.77 10.86
CA PRO B 22 -9.88 7.12 10.54
C PRO B 22 -9.93 7.50 9.06
N VAL B 23 -9.20 6.75 8.21
CA VAL B 23 -9.09 7.07 6.78
C VAL B 23 -10.44 7.22 6.09
N GLY B 24 -11.33 6.25 6.33
CA GLY B 24 -12.70 6.27 5.78
C GLY B 24 -13.42 7.58 5.97
N PRO B 25 -13.82 7.91 7.21
CA PRO B 25 -14.51 9.17 7.51
C PRO B 25 -13.68 10.44 7.24
N ALA B 26 -12.37 10.39 7.53
CA ALA B 26 -11.50 11.56 7.39
C ALA B 26 -11.43 12.10 5.96
N LEU B 27 -11.35 11.19 5.00
CA LEU B 27 -11.32 11.57 3.59
C LEU B 27 -12.72 11.51 2.97
N GLY B 28 -13.53 10.58 3.46
CA GLY B 28 -14.89 10.37 2.95
C GLY B 28 -15.83 11.54 3.09
N GLN B 29 -15.68 12.32 4.16
CA GLN B 29 -16.53 13.49 4.40
C GLN B 29 -16.28 14.61 3.39
N HIS B 30 -15.11 14.59 2.74
CA HIS B 30 -14.76 15.56 1.71
C HIS B 30 -14.80 14.96 0.30
N GLY B 31 -15.27 13.72 0.20
CA GLY B 31 -15.45 13.04 -1.09
C GLY B 31 -14.18 12.59 -1.79
N ALA B 32 -13.08 12.51 -1.05
CA ALA B 32 -11.80 12.08 -1.60
C ALA B 32 -11.79 10.56 -1.83
N ASN B 33 -11.02 10.13 -2.82
CA ASN B 33 -10.94 8.71 -3.16
C ASN B 33 -10.13 7.94 -2.13
N ILE B 34 -10.85 7.23 -1.26
CA ILE B 34 -10.27 6.51 -0.12
C ILE B 34 -9.30 5.41 -0.57
N MET B 35 -9.74 4.59 -1.52
CA MET B 35 -8.93 3.48 -2.03
C MET B 35 -7.66 3.98 -2.72
N GLU B 36 -7.75 5.11 -3.40
CA GLU B 36 -6.60 5.74 -4.03
C GLU B 36 -5.56 6.18 -2.99
N PHE B 37 -6.04 6.80 -1.91
CA PHE B 37 -5.13 7.21 -0.82
C PHE B 37 -4.48 6.01 -0.14
N VAL B 38 -5.30 5.02 0.20
CA VAL B 38 -4.82 3.79 0.85
C VAL B 38 -3.68 3.14 0.07
N ALA B 39 -3.89 2.96 -1.24
CA ALA B 39 -2.88 2.36 -2.11
C ALA B 39 -1.61 3.21 -2.18
N ALA B 40 -1.76 4.52 -2.34
CA ALA B 40 -0.63 5.45 -2.47
C ALA B 40 0.16 5.61 -1.17
N PHE B 41 -0.54 5.73 -0.04
CA PHE B 41 0.12 5.84 1.26
C PHE B 41 0.95 4.59 1.56
N ASN B 42 0.36 3.42 1.32
CA ASN B 42 1.02 2.15 1.61
C ASN B 42 2.29 1.94 0.82
N ALA B 43 2.28 2.36 -0.45
CA ALA B 43 3.47 2.27 -1.30
C ALA B 43 4.54 3.29 -0.89
N ALA B 44 4.10 4.48 -0.49
CA ALA B 44 5.02 5.56 -0.11
C ALA B 44 5.73 5.28 1.22
N THR B 45 5.11 4.47 2.08
CA THR B 45 5.63 4.19 3.41
C THR B 45 6.04 2.72 3.57
N ALA B 46 6.16 2.03 2.43
CA ALA B 46 6.33 0.58 2.38
C ALA B 46 7.60 0.05 3.03
N ASN B 47 8.71 0.75 2.80
CA ASN B 47 10.02 0.29 3.29
C ASN B 47 10.27 0.60 4.76
N MET B 48 9.43 1.46 5.33
CA MET B 48 9.61 1.94 6.71
C MET B 48 9.29 0.90 7.79
N GLY B 49 8.65 -0.19 7.38
CA GLY B 49 8.36 -1.30 8.29
C GLY B 49 7.20 -1.02 9.23
N ASP B 50 7.52 -0.97 10.52
CA ASP B 50 6.50 -0.80 11.56
C ASP B 50 6.40 0.62 12.13
N ALA B 51 7.16 1.54 11.56
CA ALA B 51 7.19 2.94 12.03
C ALA B 51 5.82 3.61 11.95
N ILE B 52 5.48 4.38 12.98
CA ILE B 52 4.25 5.15 13.00
C ILE B 52 4.44 6.39 12.14
N VAL B 53 3.61 6.53 11.11
CA VAL B 53 3.77 7.62 10.14
C VAL B 53 2.67 8.67 10.28
N PRO B 54 3.03 9.89 10.69
CA PRO B 54 2.11 11.01 10.61
C PRO B 54 1.99 11.46 9.16
N VAL B 55 0.76 11.73 8.73
CA VAL B 55 0.51 12.11 7.34
C VAL B 55 -0.47 13.30 7.27
N GLU B 56 -0.18 14.22 6.36
CA GLU B 56 -1.04 15.37 6.11
C GLU B 56 -1.66 15.25 4.73
N ILE B 57 -2.98 15.07 4.69
CA ILE B 57 -3.70 14.97 3.43
C ILE B 57 -4.37 16.30 3.12
N THR B 58 -3.95 16.92 2.02
CA THR B 58 -4.58 18.15 1.54
C THR B 58 -5.63 17.78 0.50
N ILE B 59 -6.89 18.09 0.80
CA ILE B 59 -8.00 17.78 -0.10
C ILE B 59 -8.48 19.05 -0.80
N TYR B 60 -8.68 18.97 -2.10
CA TYR B 60 -9.04 20.12 -2.92
C TYR B 60 -10.53 20.11 -3.30
N ALA B 61 -10.99 21.22 -3.87
CA ALA B 61 -12.40 21.41 -4.20
C ALA B 61 -12.92 20.47 -5.29
N ASP B 62 -12.02 20.00 -6.15
CA ASP B 62 -12.38 19.03 -7.18
C ASP B 62 -12.33 17.57 -6.65
N ARG B 63 -12.16 17.45 -5.33
CA ARG B 63 -12.14 16.15 -4.62
C ARG B 63 -10.81 15.38 -4.72
N SER B 64 -9.88 15.89 -5.52
CA SER B 64 -8.53 15.32 -5.60
C SER B 64 -7.74 15.63 -4.33
N PHE B 65 -6.60 14.98 -4.15
CA PHE B 65 -5.79 15.16 -2.96
C PHE B 65 -4.29 15.01 -3.23
N THR B 66 -3.49 15.56 -2.33
CA THR B 66 -2.06 15.27 -2.25
C THR B 66 -1.76 15.00 -0.77
N PHE B 67 -0.64 14.35 -0.48
CA PHE B 67 -0.26 14.13 0.91
C PHE B 67 1.25 14.19 1.17
N VAL B 68 1.60 14.50 2.42
CA VAL B 68 2.99 14.55 2.86
C VAL B 68 3.13 13.69 4.11
N THR B 69 4.09 12.77 4.08
CA THR B 69 4.43 11.94 5.23
C THR B 69 5.51 12.62 6.08
N LYS B 70 5.59 12.25 7.35
CA LYS B 70 6.47 12.93 8.30
C LYS B 70 7.71 12.14 8.72
N THR B 71 8.47 12.72 9.64
CA THR B 71 9.87 12.33 9.93
C THR B 71 10.16 10.90 10.43
N PRO B 72 9.35 10.34 11.37
CA PRO B 72 8.16 10.76 12.10
C PRO B 72 8.46 11.24 13.55
N PRO B 73 7.58 10.92 14.55
CA PRO B 73 7.70 11.57 15.85
C PRO B 73 8.88 11.13 16.71
N ALA B 74 9.36 12.03 17.56
CA ALA B 74 10.49 11.78 18.45
C ALA B 74 10.17 10.71 19.49
N SER B 75 8.95 10.73 20.02
CA SER B 75 8.50 9.78 21.04
C SER B 75 8.60 8.31 20.58
N TYR B 76 8.52 8.10 19.27
CA TYR B 76 8.75 6.79 18.69
C TYR B 76 10.26 6.53 18.54
N LEU B 77 10.99 7.57 18.14
CA LEU B 77 12.42 7.47 17.88
C LEU B 77 13.26 7.37 19.17
N ILE B 78 12.64 7.69 20.30
CA ILE B 78 13.26 7.56 21.62
C ILE B 78 13.22 6.10 22.09
N ARG B 79 12.06 5.46 21.92
CA ARG B 79 11.90 4.05 22.27
C ARG B 79 12.47 3.14 21.19
N ILE B 99 17.80 4.96 29.16
CA ILE B 99 19.01 4.71 28.38
C ILE B 99 19.22 5.74 27.26
N THR B 100 19.67 6.94 27.65
CA THR B 100 19.93 8.02 26.70
C THR B 100 21.39 8.00 26.27
N TRP B 101 21.64 7.54 25.04
CA TRP B 101 22.99 7.51 24.48
C TRP B 101 23.24 8.67 23.53
N GLU B 102 24.13 8.49 22.57
CA GLU B 102 24.37 9.47 21.51
C GLU B 102 23.24 9.43 20.48
N GLN B 103 22.01 9.56 20.99
CA GLN B 103 20.79 9.45 20.18
C GLN B 103 20.63 10.63 19.24
N VAL B 104 20.82 11.84 19.77
CA VAL B 104 20.48 13.07 19.06
C VAL B 104 21.61 13.61 18.18
N LEU B 105 22.56 12.76 17.84
CA LEU B 105 23.60 13.11 16.86
C LEU B 105 23.08 12.92 15.43
N GLU B 106 21.97 12.20 15.31
CA GLU B 106 21.31 11.96 14.03
C GLU B 106 19.83 12.27 14.11
N ILE B 107 19.26 12.18 15.31
CA ILE B 107 17.85 12.50 15.56
C ILE B 107 17.57 14.00 15.42
N ALA B 108 18.54 14.83 15.80
CA ALA B 108 18.45 16.27 15.61
C ALA B 108 18.43 16.65 14.12
N LYS B 109 19.08 15.83 13.31
CA LYS B 109 19.09 15.99 11.86
C LYS B 109 17.84 15.36 11.23
N GLN B 110 17.18 14.47 11.99
CA GLN B 110 15.92 13.86 11.59
C GLN B 110 14.73 14.78 11.85
N LYS B 111 14.86 15.61 12.89
CA LYS B 111 13.78 16.50 13.32
C LYS B 111 13.80 17.87 12.63
N MET B 112 14.64 18.01 11.60
CA MET B 112 14.73 19.25 10.83
C MET B 112 13.42 19.58 10.08
N PRO B 113 12.85 18.60 9.34
CA PRO B 113 11.55 18.87 8.70
C PRO B 113 10.35 18.47 9.56
N ASP B 114 10.46 18.71 10.87
CA ASP B 114 9.36 18.46 11.81
C ASP B 114 9.28 19.58 12.85
N LEU B 115 10.43 20.00 13.38
CA LEU B 115 10.50 21.09 14.35
C LEU B 115 10.43 22.45 13.64
N ASN B 116 9.85 23.44 14.33
CA ASN B 116 9.61 24.75 13.75
C ASN B 116 10.82 25.69 13.81
N THR B 117 11.79 25.37 14.66
CA THR B 117 13.00 26.17 14.81
C THR B 117 13.82 26.21 13.52
N THR B 118 14.16 27.43 13.08
CA THR B 118 14.87 27.64 11.82
C THR B 118 16.39 27.56 11.98
N ASP B 119 16.87 26.45 12.53
CA ASP B 119 18.30 26.19 12.68
C ASP B 119 18.61 24.70 12.56
N LEU B 120 19.70 24.41 11.86
CA LEU B 120 20.16 23.02 11.65
C LEU B 120 20.72 22.42 12.93
N GLU B 121 21.27 23.28 13.80
CA GLU B 121 21.97 22.83 15.00
C GLU B 121 21.11 22.90 16.26
N ALA B 122 20.35 23.99 16.41
CA ALA B 122 19.52 24.21 17.60
C ALA B 122 18.26 23.35 17.59
N ALA B 123 18.43 22.07 17.93
CA ALA B 123 17.33 21.11 18.01
C ALA B 123 17.59 20.06 19.08
N ALA B 124 18.84 19.60 19.16
CA ALA B 124 19.27 18.58 20.12
C ALA B 124 19.15 19.04 21.58
N ARG B 125 19.10 20.36 21.77
CA ARG B 125 19.00 20.98 23.09
C ARG B 125 17.56 20.94 23.63
N MET B 126 16.66 20.31 22.88
CA MET B 126 15.24 20.25 23.22
C MET B 126 14.70 18.82 23.13
N ILE B 127 15.27 18.02 22.23
CA ILE B 127 14.87 16.62 22.04
C ILE B 127 15.34 15.75 23.21
N ALA B 128 16.59 15.94 23.63
CA ALA B 128 17.19 15.20 24.74
C ALA B 128 16.48 15.49 26.06
N GLY B 129 16.04 16.73 26.23
CA GLY B 129 15.27 17.15 27.41
C GLY B 129 13.88 16.54 27.42
N SER B 130 13.25 16.48 26.25
CA SER B 130 11.92 15.88 26.09
C SER B 130 11.97 14.36 26.24
N ALA B 131 13.14 13.78 25.99
CA ALA B 131 13.36 12.34 26.14
C ALA B 131 13.42 11.91 27.60
N ARG B 132 13.92 12.80 28.46
CA ARG B 132 14.07 12.53 29.90
C ARG B 132 12.75 12.17 30.57
N SER B 133 11.68 12.87 30.19
CA SER B 133 10.35 12.61 30.73
C SER B 133 9.60 11.60 29.87
N MET B 134 9.71 10.33 30.25
CA MET B 134 9.06 9.23 29.51
C MET B 134 8.82 7.96 30.35
N GLY B 135 9.72 7.59 31.26
CA GLY B 135 10.96 8.31 31.56
C GLY B 135 12.20 7.55 31.11
N VAL B 136 13.08 8.25 30.40
CA VAL B 136 14.30 7.63 29.86
C VAL B 136 15.55 8.29 30.46
N GLU B 137 16.38 7.48 31.09
CA GLU B 137 17.61 7.95 31.72
C GLU B 137 18.84 7.61 30.88
#